data_4MUS
#
_entry.id   4MUS
#
_cell.length_a   44.256
_cell.length_b   44.780
_cell.length_c   62.407
_cell.angle_alpha   86.84
_cell.angle_beta   77.29
_cell.angle_gamma   64.15
#
_symmetry.space_group_name_H-M   'P 1'
#
loop_
_entity.id
_entity.type
_entity.pdbx_description
1 polymer D,D-dipeptidase/D,D-carboxypeptidase
2 non-polymer 'ZINC ION'
3 non-polymer '(2R)-3-[(R)-[(1S)-1-aminoethyl](hydroxy)phosphoryl]-2-methylpropanoic acid'
4 non-polymer '(2R)-3-[(R)-[(1R)-1-aminoethyl](hydroxy)phosphoryl]-2-methylpropanoic acid'
5 non-polymer 'SULFATE ION'
6 non-polymer GLYCEROL
7 non-polymer 'CHLORIDE ION'
8 water water
#
_entity_poly.entity_id   1
_entity_poly.type   'polypeptide(L)'
_entity_poly.pdbx_seq_one_letter_code
;MGSSHHHHHHSSGRENLYFQGMNTLQLINKNHPLKKNQEPPHLVLAPFSDHDVYLQPEVAKQWERLVRATGLEKDIRLVS
GYRTEKEQRRLWEYSLKENGLAYTKQFVALPGCSEHQIGLAIDVGLKKQEDDDLICPHFRDSAAADLFMQQMMNYGFILR
YPEDKQEITGISYEPWHFRYVGLPHSQVITAQKWTLEEYHDYLAQTVRQFA
;
_entity_poly.pdbx_strand_id   A,B
#
loop_
_chem_comp.id
_chem_comp.type
_chem_comp.name
_chem_comp.formula
2D8 non-polymer '(2R)-3-[(R)-[(1S)-1-aminoethyl](hydroxy)phosphoryl]-2-methylpropanoic acid' 'C6 H14 N O4 P'
CL non-polymer 'CHLORIDE ION' 'Cl -1'
GOL non-polymer GLYCEROL 'C3 H8 O3'
LY0 non-polymer '(2R)-3-[(R)-[(1R)-1-aminoethyl](hydroxy)phosphoryl]-2-methylpropanoic acid' 'C6 H14 N O4 P'
SO4 non-polymer 'SULFATE ION' 'O4 S -2'
ZN non-polymer 'ZINC ION' 'Zn 2'
#
# COMPACT_ATOMS: atom_id res chain seq x y z
N MET A 22 -13.40 -1.93 -20.08
CA MET A 22 -12.27 -1.30 -19.41
C MET A 22 -11.53 -0.37 -20.37
N ASN A 23 -11.80 0.93 -20.26
CA ASN A 23 -11.18 1.92 -21.13
C ASN A 23 -9.85 2.40 -20.56
N THR A 24 -8.76 2.03 -21.21
CA THR A 24 -7.43 2.46 -20.78
C THR A 24 -7.21 3.95 -21.04
N LEU A 25 -8.09 4.56 -21.83
CA LEU A 25 -7.97 5.99 -22.11
C LEU A 25 -8.84 6.86 -21.23
N GLN A 26 -9.61 6.25 -20.32
CA GLN A 26 -10.54 6.99 -19.48
C GLN A 26 -9.90 8.21 -18.84
N LEU A 27 -10.52 9.37 -19.07
CA LEU A 27 -10.05 10.60 -18.47
C LEU A 27 -10.67 10.77 -17.09
N ILE A 28 -9.83 10.83 -16.06
CA ILE A 28 -10.28 11.02 -14.67
C ILE A 28 -9.56 12.21 -14.06
N ASN A 29 -10.32 13.25 -13.75
CA ASN A 29 -9.76 14.41 -13.08
C ASN A 29 -10.90 15.13 -12.38
N LYS A 30 -10.64 16.32 -11.85
CA LYS A 30 -11.66 17.03 -11.08
C LYS A 30 -12.94 17.28 -11.88
N ASN A 31 -12.80 17.52 -13.19
CA ASN A 31 -13.95 17.79 -14.05
C ASN A 31 -14.61 16.53 -14.58
N HIS A 32 -13.92 15.41 -14.42
CA HIS A 32 -14.42 14.12 -14.86
C HIS A 32 -14.22 13.09 -13.77
N PRO A 33 -15.05 13.14 -12.72
CA PRO A 33 -14.83 12.17 -11.65
C PRO A 33 -15.38 10.79 -12.01
N LEU A 34 -15.02 9.80 -11.22
CA LEU A 34 -15.56 8.46 -11.42
C LEU A 34 -17.03 8.39 -11.09
N LYS A 35 -17.76 7.55 -11.82
CA LYS A 35 -19.13 7.21 -11.46
C LYS A 35 -19.09 6.20 -10.32
N LYS A 36 -20.12 6.19 -9.49
CA LYS A 36 -20.15 5.30 -8.33
C LYS A 36 -20.61 3.91 -8.77
N ASN A 37 -21.04 3.81 -10.02
CA ASN A 37 -21.46 2.52 -10.57
C ASN A 37 -20.36 1.93 -11.44
N GLN A 38 -19.24 2.64 -11.54
CA GLN A 38 -18.08 2.15 -12.27
C GLN A 38 -17.55 0.88 -11.62
N GLU A 39 -17.42 -0.17 -12.42
CA GLU A 39 -16.89 -1.45 -11.94
C GLU A 39 -15.50 -1.27 -11.35
N PRO A 40 -15.30 -1.73 -10.10
CA PRO A 40 -13.95 -1.74 -9.55
C PRO A 40 -13.06 -2.59 -10.44
N PRO A 41 -11.83 -2.13 -10.70
CA PRO A 41 -10.96 -2.86 -11.62
C PRO A 41 -10.60 -4.24 -11.09
N HIS A 42 -10.35 -5.16 -12.02
CA HIS A 42 -9.67 -6.40 -11.66
C HIS A 42 -8.28 -6.01 -11.20
N LEU A 43 -7.72 -6.77 -10.28
CA LEU A 43 -6.44 -6.43 -9.71
C LEU A 43 -5.52 -7.63 -9.63
N VAL A 44 -4.22 -7.36 -9.66
CA VAL A 44 -3.20 -8.35 -9.34
C VAL A 44 -2.15 -7.66 -8.50
N LEU A 45 -1.39 -8.48 -7.76
CA LEU A 45 -0.29 -7.96 -6.98
C LEU A 45 0.83 -7.64 -7.96
N ALA A 46 1.37 -6.43 -7.88
CA ALA A 46 2.39 -6.06 -8.86
C ALA A 46 3.79 -6.31 -8.31
N PRO A 47 4.71 -6.75 -9.18
CA PRO A 47 6.09 -7.03 -8.78
C PRO A 47 6.92 -5.75 -8.64
N PHE A 48 8.15 -5.89 -8.16
CA PHE A 48 9.12 -4.81 -8.03
C PHE A 48 8.69 -3.74 -7.02
N SER A 49 8.19 -4.21 -5.89
CA SER A 49 7.92 -3.34 -4.77
CA SER A 49 7.88 -3.35 -4.75
C SER A 49 8.38 -4.01 -3.49
N ASP A 50 8.53 -3.21 -2.43
CA ASP A 50 8.88 -3.74 -1.13
C ASP A 50 7.65 -3.83 -0.25
N HIS A 51 6.48 -3.63 -0.83
CA HIS A 51 5.24 -3.81 -0.09
C HIS A 51 4.17 -4.25 -1.07
N ASP A 52 2.97 -4.55 -0.58
CA ASP A 52 1.95 -5.03 -1.48
C ASP A 52 1.30 -3.87 -2.21
N VAL A 53 1.47 -3.86 -3.53
CA VAL A 53 0.86 -2.90 -4.42
C VAL A 53 0.03 -3.63 -5.47
N TYR A 54 -1.15 -3.09 -5.78
CA TYR A 54 -2.06 -3.77 -6.68
C TYR A 54 -2.38 -2.90 -7.88
N LEU A 55 -2.54 -3.54 -9.03
CA LEU A 55 -2.72 -2.82 -10.30
C LEU A 55 -3.67 -3.60 -11.18
N GLN A 56 -4.28 -2.97 -12.18
CA GLN A 56 -4.99 -3.75 -13.19
CA GLN A 56 -4.99 -3.73 -13.21
C GLN A 56 -3.98 -4.70 -13.81
N PRO A 57 -4.42 -5.92 -14.15
CA PRO A 57 -3.46 -6.94 -14.62
C PRO A 57 -2.59 -6.51 -15.80
N GLU A 58 -3.15 -5.79 -16.77
CA GLU A 58 -2.35 -5.43 -17.94
C GLU A 58 -1.30 -4.40 -17.55
N VAL A 59 -1.64 -3.54 -16.61
CA VAL A 59 -0.72 -2.53 -16.13
C VAL A 59 0.45 -3.17 -15.40
N ALA A 60 0.15 -4.16 -14.57
CA ALA A 60 1.19 -4.85 -13.84
C ALA A 60 2.15 -5.55 -14.79
N LYS A 61 1.57 -6.18 -15.80
CA LYS A 61 2.33 -6.92 -16.78
C LYS A 61 3.28 -6.01 -17.55
N GLN A 62 2.79 -4.82 -17.90
CA GLN A 62 3.59 -3.90 -18.71
C GLN A 62 4.62 -3.18 -17.84
N TRP A 63 4.25 -2.88 -16.59
CA TRP A 63 5.20 -2.37 -15.62
C TRP A 63 6.37 -3.35 -15.50
N GLU A 64 6.07 -4.63 -15.34
CA GLU A 64 7.11 -5.65 -15.17
C GLU A 64 7.99 -5.73 -16.41
N ARG A 65 7.36 -5.67 -17.58
CA ARG A 65 8.12 -5.73 -18.82
C ARG A 65 9.08 -4.54 -18.92
N LEU A 66 8.60 -3.37 -18.51
CA LEU A 66 9.36 -2.13 -18.55
C LEU A 66 10.58 -2.17 -17.64
N VAL A 67 10.36 -2.58 -16.40
CA VAL A 67 11.45 -2.67 -15.43
C VAL A 67 12.50 -3.66 -15.90
N ARG A 68 12.07 -4.84 -16.36
CA ARG A 68 13.01 -5.83 -16.84
C ARG A 68 13.76 -5.35 -18.07
N ALA A 69 13.08 -4.70 -19.01
CA ALA A 69 13.74 -4.32 -20.26
C ALA A 69 14.74 -3.18 -20.06
N THR A 70 14.49 -2.32 -19.08
CA THR A 70 15.40 -1.22 -18.78
C THR A 70 16.48 -1.65 -17.80
N GLY A 71 16.33 -2.85 -17.26
CA GLY A 71 17.24 -3.38 -16.26
C GLY A 71 17.34 -2.48 -15.04
N LEU A 72 16.20 -1.95 -14.61
CA LEU A 72 16.15 -1.00 -13.50
C LEU A 72 15.69 -1.65 -12.20
N GLU A 73 15.75 -2.97 -12.15
CA GLU A 73 15.27 -3.73 -10.98
C GLU A 73 15.87 -3.25 -9.67
N LYS A 74 17.15 -2.89 -9.67
CA LYS A 74 17.83 -2.48 -8.45
C LYS A 74 17.72 -0.98 -8.16
N ASP A 75 17.08 -0.24 -9.06
CA ASP A 75 17.19 1.21 -9.02
C ASP A 75 15.88 1.90 -8.75
N ILE A 76 14.79 1.25 -9.12
CA ILE A 76 13.47 1.84 -8.94
C ILE A 76 12.53 0.85 -8.27
N ARG A 77 11.42 1.38 -7.76
CA ARG A 77 10.45 0.57 -7.06
C ARG A 77 9.07 1.15 -7.24
N LEU A 78 8.07 0.28 -7.19
CA LEU A 78 6.69 0.71 -7.25
C LEU A 78 6.27 1.17 -5.85
N VAL A 79 5.79 2.40 -5.76
CA VAL A 79 5.45 3.00 -4.46
C VAL A 79 3.97 2.92 -4.17
N SER A 80 3.16 3.16 -5.18
CA SER A 80 1.71 3.20 -4.96
C SER A 80 1.00 2.74 -6.22
N GLY A 81 -0.15 2.10 -6.03
CA GLY A 81 -0.92 1.59 -7.16
C GLY A 81 -2.40 1.86 -6.90
N TYR A 82 -3.17 0.79 -6.84
CA TYR A 82 -4.59 0.94 -6.59
C TYR A 82 -4.90 1.47 -5.19
N ARG A 83 -5.89 2.36 -5.13
CA ARG A 83 -6.47 2.90 -3.90
C ARG A 83 -7.96 2.91 -4.04
N THR A 84 -8.68 2.53 -3.00
CA THR A 84 -10.13 2.69 -3.00
C THR A 84 -10.46 4.16 -2.83
N GLU A 85 -11.71 4.53 -3.10
CA GLU A 85 -12.14 5.92 -2.90
C GLU A 85 -11.96 6.30 -1.44
N LYS A 86 -12.30 5.36 -0.55
CA LYS A 86 -12.18 5.57 0.89
C LYS A 86 -10.72 5.87 1.23
N GLU A 87 -9.81 5.10 0.66
CA GLU A 87 -8.41 5.33 0.89
C GLU A 87 -7.95 6.69 0.33
N GLN A 88 -8.40 7.02 -0.88
CA GLN A 88 -8.05 8.32 -1.45
C GLN A 88 -8.53 9.43 -0.52
N ARG A 89 -9.73 9.27 0.03
CA ARG A 89 -10.22 10.24 1.01
C ARG A 89 -9.37 10.31 2.28
N ARG A 90 -8.92 9.18 2.81
CA ARG A 90 -8.00 9.24 3.95
C ARG A 90 -6.67 9.91 3.58
N LEU A 91 -6.16 9.66 2.38
CA LEU A 91 -4.94 10.31 1.91
C LEU A 91 -5.13 11.84 1.84
N TRP A 92 -6.23 12.23 1.20
CA TRP A 92 -6.60 13.63 1.08
C TRP A 92 -6.68 14.31 2.45
N GLU A 93 -7.43 13.69 3.37
CA GLU A 93 -7.64 14.25 4.70
C GLU A 93 -6.35 14.31 5.51
N TYR A 94 -5.48 13.32 5.34
CA TYR A 94 -4.20 13.36 6.01
C TYR A 94 -3.37 14.52 5.52
N SER A 95 -3.26 14.67 4.19
CA SER A 95 -2.43 15.72 3.64
C SER A 95 -3.00 17.08 3.99
N LEU A 96 -4.33 17.18 3.98
CA LEU A 96 -4.96 18.45 4.34
C LEU A 96 -4.55 18.84 5.74
N LYS A 97 -4.57 17.86 6.63
CA LYS A 97 -4.28 18.10 8.04
C LYS A 97 -2.81 18.41 8.26
N GLU A 98 -1.96 17.61 7.63
CA GLU A 98 -0.52 17.69 7.86
C GLU A 98 0.17 18.76 7.02
N ASN A 99 -0.28 18.94 5.79
CA ASN A 99 0.42 19.77 4.81
C ASN A 99 -0.36 21.02 4.40
N GLY A 100 -1.63 21.09 4.79
CA GLY A 100 -2.44 22.24 4.45
C GLY A 100 -3.16 22.09 3.13
N LEU A 101 -4.18 22.91 2.93
CA LEU A 101 -5.00 22.84 1.72
C LEU A 101 -4.23 23.14 0.45
N ALA A 102 -3.32 24.12 0.50
CA ALA A 102 -2.58 24.54 -0.69
C ALA A 102 -1.78 23.39 -1.28
N TYR A 103 -0.98 22.74 -0.45
CA TYR A 103 -0.14 21.64 -0.88
C TYR A 103 -1.01 20.49 -1.36
N THR A 104 -2.08 20.22 -0.61
CA THR A 104 -2.93 19.09 -0.89
C THR A 104 -3.66 19.24 -2.23
N LYS A 105 -4.17 20.44 -2.51
CA LYS A 105 -4.83 20.66 -3.79
C LYS A 105 -3.86 20.50 -4.95
N GLN A 106 -2.60 20.86 -4.70
CA GLN A 106 -1.54 20.76 -5.71
C GLN A 106 -1.16 19.34 -6.08
N PHE A 107 -1.13 18.46 -5.08
CA PHE A 107 -0.50 17.17 -5.27
C PHE A 107 -1.38 15.98 -5.01
N VAL A 108 -2.57 16.18 -4.45
CA VAL A 108 -3.45 15.06 -4.17
C VAL A 108 -4.78 15.23 -4.88
N ALA A 109 -5.22 14.21 -5.59
CA ALA A 109 -6.49 14.31 -6.29
C ALA A 109 -7.63 14.14 -5.29
N LEU A 110 -8.72 14.85 -5.56
CA LEU A 110 -9.94 14.67 -4.79
C LEU A 110 -10.41 13.25 -4.88
N PRO A 111 -10.97 12.70 -3.79
CA PRO A 111 -11.58 11.37 -3.86
C PRO A 111 -12.59 11.35 -4.99
N GLY A 112 -12.52 10.32 -5.83
CA GLY A 112 -13.39 10.20 -6.98
C GLY A 112 -12.69 10.69 -8.23
N CYS A 113 -11.58 11.39 -8.05
CA CYS A 113 -10.87 12.02 -9.15
C CYS A 113 -9.44 11.51 -9.34
N SER A 114 -9.09 10.43 -8.64
CA SER A 114 -7.75 9.86 -8.73
C SER A 114 -7.69 8.70 -9.70
N GLU A 115 -6.71 8.73 -10.60
CA GLU A 115 -6.44 7.58 -11.45
C GLU A 115 -6.08 6.34 -10.65
N HIS A 116 -5.58 6.54 -9.43
CA HIS A 116 -5.23 5.40 -8.61
C HIS A 116 -6.47 4.55 -8.31
N GLN A 117 -7.65 5.15 -8.38
CA GLN A 117 -8.87 4.42 -8.05
C GLN A 117 -9.30 3.43 -9.12
N ILE A 118 -8.69 3.49 -10.31
CA ILE A 118 -9.02 2.50 -11.33
C ILE A 118 -7.85 1.58 -11.61
N GLY A 119 -6.78 1.73 -10.86
CA GLY A 119 -5.70 0.78 -10.96
C GLY A 119 -4.83 0.95 -12.20
N LEU A 120 -4.90 2.13 -12.82
CA LEU A 120 -4.10 2.42 -14.01
C LEU A 120 -2.96 3.37 -13.73
N ALA A 121 -2.80 3.76 -12.47
CA ALA A 121 -1.73 4.71 -12.11
C ALA A 121 -0.66 4.02 -11.27
N ILE A 122 0.59 4.36 -11.54
CA ILE A 122 1.67 3.90 -10.68
C ILE A 122 2.45 5.12 -10.16
N ASP A 123 2.81 5.09 -8.88
CA ASP A 123 3.81 6.03 -8.39
C ASP A 123 5.11 5.27 -8.29
N VAL A 124 6.16 5.82 -8.88
CA VAL A 124 7.46 5.18 -8.91
C VAL A 124 8.48 5.97 -8.10
N GLY A 125 9.37 5.28 -7.40
CA GLY A 125 10.38 5.95 -6.60
C GLY A 125 11.74 5.31 -6.81
N LEU A 126 12.78 5.98 -6.34
CA LEU A 126 14.13 5.43 -6.38
C LEU A 126 14.37 4.54 -5.16
N LYS A 127 15.16 3.49 -5.32
CA LYS A 127 15.33 2.51 -4.24
C LYS A 127 16.35 2.95 -3.19
N LYS A 128 17.15 3.95 -3.52
CA LYS A 128 18.17 4.42 -2.58
C LYS A 128 17.81 5.80 -2.06
N GLN A 129 16.69 5.89 -1.34
CA GLN A 129 16.19 7.18 -0.90
C GLN A 129 15.95 7.30 0.60
N GLU A 130 16.66 8.24 1.23
CA GLU A 130 16.21 8.78 2.50
C GLU A 130 15.28 9.92 2.10
N ASP A 131 14.58 10.52 3.04
CA ASP A 131 13.66 11.62 2.77
C ASP A 131 12.27 11.07 2.40
N ASP A 132 12.23 9.84 1.97
CA ASP A 132 11.21 9.50 1.01
C ASP A 132 9.82 9.84 1.55
N ASP A 133 9.14 10.72 0.83
CA ASP A 133 7.86 11.18 1.34
C ASP A 133 6.71 10.50 0.72
N LEU A 134 5.68 10.50 1.56
CA LEU A 134 4.37 9.95 1.27
C LEU A 134 3.80 10.44 -0.05
N ILE A 135 3.48 11.74 -0.07
CA ILE A 135 2.75 12.33 -1.18
C ILE A 135 3.62 12.46 -2.43
N CYS A 136 4.89 12.81 -2.23
CA CYS A 136 5.77 13.11 -3.35
C CYS A 136 7.03 12.25 -3.34
N PRO A 137 6.91 10.98 -3.75
CA PRO A 137 8.08 10.11 -3.81
C PRO A 137 9.15 10.68 -4.74
N HIS A 138 10.41 10.51 -4.39
CA HIS A 138 11.49 11.11 -5.16
C HIS A 138 11.75 10.32 -6.44
N PHE A 139 11.54 10.97 -7.58
CA PHE A 139 11.84 10.36 -8.87
C PHE A 139 12.42 11.41 -9.80
N ARG A 140 13.47 12.07 -9.33
CA ARG A 140 14.05 13.22 -10.02
C ARG A 140 15.56 13.20 -9.89
N ASP A 141 16.25 13.93 -10.77
CA ASP A 141 17.72 14.04 -10.73
C ASP A 141 18.43 12.71 -10.66
N SER A 142 18.08 11.80 -11.56
CA SER A 142 18.57 10.43 -11.46
C SER A 142 18.74 9.77 -12.81
N ALA A 143 19.88 9.10 -12.98
CA ALA A 143 20.15 8.35 -14.21
C ALA A 143 19.07 7.30 -14.44
N ALA A 144 18.64 6.64 -13.36
CA ALA A 144 17.59 5.64 -13.47
C ALA A 144 16.28 6.26 -13.95
N ALA A 145 15.90 7.38 -13.35
CA ALA A 145 14.66 8.05 -13.74
C ALA A 145 14.77 8.50 -15.20
N ASP A 146 15.96 8.97 -15.59
CA ASP A 146 16.22 9.36 -16.97
C ASP A 146 15.98 8.19 -17.92
N LEU A 147 16.48 7.02 -17.57
CA LEU A 147 16.29 5.85 -18.42
C LEU A 147 14.83 5.43 -18.44
N PHE A 148 14.18 5.49 -17.27
CA PHE A 148 12.77 5.17 -17.20
C PHE A 148 11.96 6.07 -18.12
N MET A 149 12.32 7.35 -18.17
CA MET A 149 11.59 8.33 -18.97
C MET A 149 11.81 8.15 -20.45
N GLN A 150 12.87 7.44 -20.82
CA GLN A 150 13.16 7.16 -22.21
C GLN A 150 12.38 5.97 -22.77
N GLN A 151 11.84 5.12 -21.88
CA GLN A 151 11.28 3.85 -22.32
C GLN A 151 9.84 3.61 -21.88
N MET A 152 9.43 4.36 -20.87
CA MET A 152 8.07 4.33 -20.35
C MET A 152 6.96 4.22 -21.37
N MET A 153 7.03 5.12 -22.33
CA MET A 153 5.99 5.25 -23.32
C MET A 153 5.94 4.03 -24.25
N ASN A 154 7.04 3.30 -24.34
CA ASN A 154 7.10 2.12 -25.18
C ASN A 154 6.43 0.90 -24.54
N TYR A 155 5.97 1.09 -23.30
CA TYR A 155 5.28 0.03 -22.57
C TYR A 155 3.91 0.52 -22.10
N GLY A 156 3.44 1.60 -22.71
CA GLY A 156 2.08 2.06 -22.48
C GLY A 156 1.87 3.13 -21.42
N PHE A 157 2.95 3.67 -20.87
CA PHE A 157 2.83 4.64 -19.80
C PHE A 157 3.11 6.08 -20.25
N ILE A 158 2.39 7.02 -19.64
CA ILE A 158 2.69 8.43 -19.84
C ILE A 158 2.99 9.08 -18.50
N LEU A 159 3.77 10.16 -18.57
CA LEU A 159 3.94 11.02 -17.42
C LEU A 159 2.68 11.86 -17.32
N ARG A 160 1.90 11.63 -16.27
CA ARG A 160 0.54 12.16 -16.24
C ARG A 160 0.48 13.65 -16.03
N TYR A 161 1.36 14.16 -15.17
CA TYR A 161 1.27 15.54 -14.71
C TYR A 161 2.59 16.24 -14.95
N PRO A 162 2.82 16.67 -16.20
CA PRO A 162 4.11 17.24 -16.57
C PRO A 162 4.27 18.65 -16.04
N GLU A 163 5.50 19.13 -16.02
CA GLU A 163 5.76 20.51 -15.65
C GLU A 163 5.02 21.46 -16.59
N ASP A 164 4.55 22.57 -16.05
CA ASP A 164 3.88 23.62 -16.84
C ASP A 164 2.61 23.15 -17.56
N LYS A 165 1.99 22.08 -17.07
CA LYS A 165 0.68 21.68 -17.59
C LYS A 165 -0.38 21.80 -16.51
N GLN A 166 0.00 22.41 -15.39
CA GLN A 166 -0.86 22.44 -14.20
C GLN A 166 -2.22 23.07 -14.48
N GLU A 167 -2.26 24.06 -15.37
CA GLU A 167 -3.52 24.70 -15.72
C GLU A 167 -4.44 23.78 -16.53
N ILE A 168 -3.84 22.80 -17.19
CA ILE A 168 -4.61 21.83 -17.97
C ILE A 168 -5.01 20.63 -17.13
N THR A 169 -4.08 20.11 -16.34
CA THR A 169 -4.35 18.92 -15.53
C THR A 169 -4.99 19.21 -14.17
N GLY A 170 -4.81 20.44 -13.68
CA GLY A 170 -5.27 20.81 -12.34
C GLY A 170 -4.39 20.25 -11.25
N ILE A 171 -3.26 19.66 -11.64
CA ILE A 171 -2.33 19.05 -10.71
C ILE A 171 -0.94 19.58 -11.01
N SER A 172 -0.16 19.83 -9.96
CA SER A 172 1.21 20.31 -10.13
C SER A 172 2.11 19.20 -10.66
N TYR A 173 3.33 19.58 -11.02
CA TYR A 173 4.30 18.67 -11.60
C TYR A 173 4.57 17.48 -10.69
N GLU A 174 4.36 16.27 -11.21
CA GLU A 174 4.62 15.04 -10.45
C GLU A 174 5.50 14.07 -11.23
N PRO A 175 6.81 14.16 -11.06
CA PRO A 175 7.67 13.27 -11.86
C PRO A 175 7.49 11.79 -11.54
N TRP A 176 6.82 11.44 -10.45
CA TRP A 176 6.76 10.05 -10.02
C TRP A 176 5.51 9.32 -10.47
N HIS A 177 4.55 10.04 -11.03
CA HIS A 177 3.22 9.50 -11.29
C HIS A 177 3.03 9.20 -12.75
N PHE A 178 2.80 7.93 -13.05
CA PHE A 178 2.63 7.52 -14.42
C PHE A 178 1.30 6.83 -14.62
N ARG A 179 0.71 7.09 -15.79
CA ARG A 179 -0.60 6.61 -16.13
C ARG A 179 -0.47 5.62 -17.27
N TYR A 180 -1.07 4.46 -17.12
CA TYR A 180 -1.12 3.51 -18.20
C TYR A 180 -2.27 3.86 -19.13
N VAL A 181 -1.94 4.06 -20.40
CA VAL A 181 -2.96 4.21 -21.45
C VAL A 181 -2.80 3.17 -22.56
N GLY A 182 -1.67 2.48 -22.57
CA GLY A 182 -1.48 1.42 -23.57
C GLY A 182 -0.92 1.99 -24.86
N LEU A 183 -0.46 1.11 -25.73
CA LEU A 183 0.06 1.52 -27.03
C LEU A 183 -1.03 1.59 -28.06
N PRO A 184 -0.86 2.46 -29.08
CA PRO A 184 0.24 3.40 -29.33
C PRO A 184 0.04 4.73 -28.61
N HIS A 185 -1.05 4.81 -27.85
CA HIS A 185 -1.45 6.06 -27.22
C HIS A 185 -0.34 6.69 -26.42
N SER A 186 0.39 5.89 -25.65
CA SER A 186 1.43 6.44 -24.79
C SER A 186 2.53 7.07 -25.62
N GLN A 187 2.86 6.43 -26.75
CA GLN A 187 3.88 6.95 -27.65
C GLN A 187 3.42 8.22 -28.33
N VAL A 188 2.15 8.26 -28.74
CA VAL A 188 1.62 9.45 -29.41
C VAL A 188 1.60 10.62 -28.43
N ILE A 189 1.08 10.37 -27.23
CA ILE A 189 0.99 11.40 -26.22
C ILE A 189 2.37 11.92 -25.84
N THR A 190 3.29 11.02 -25.55
CA THR A 190 4.62 11.44 -25.11
C THR A 190 5.36 12.22 -26.20
N ALA A 191 5.30 11.75 -27.44
CA ALA A 191 6.02 12.40 -28.51
C ALA A 191 5.50 13.81 -28.76
N GLN A 192 4.22 14.06 -28.49
CA GLN A 192 3.66 15.39 -28.70
CA GLN A 192 3.68 15.39 -28.71
C GLN A 192 3.74 16.23 -27.43
N LYS A 193 4.27 15.62 -26.37
CA LYS A 193 4.37 16.26 -25.07
C LYS A 193 2.98 16.71 -24.62
N TRP A 194 2.00 15.85 -24.86
CA TRP A 194 0.64 16.11 -24.45
C TRP A 194 0.34 15.57 -23.05
N THR A 195 -0.74 16.10 -22.50
CA THR A 195 -1.39 15.52 -21.34
C THR A 195 -2.50 14.64 -21.88
N LEU A 196 -3.09 13.83 -21.00
CA LEU A 196 -4.22 13.01 -21.39
C LEU A 196 -5.40 13.90 -21.78
N GLU A 197 -5.54 15.04 -21.10
CA GLU A 197 -6.57 16.03 -21.43
C GLU A 197 -6.45 16.47 -22.89
N GLU A 198 -5.22 16.80 -23.26
CA GLU A 198 -4.94 17.29 -24.61
C GLU A 198 -5.14 16.19 -25.63
N TYR A 199 -4.90 14.96 -25.21
CA TYR A 199 -5.09 13.81 -26.09
C TYR A 199 -6.56 13.65 -26.40
N HIS A 200 -7.39 13.70 -25.37
CA HIS A 200 -8.83 13.66 -25.61
C HIS A 200 -9.31 14.84 -26.45
N ASP A 201 -8.72 16.01 -26.26
CA ASP A 201 -9.08 17.19 -27.06
C ASP A 201 -8.76 16.94 -28.52
N TYR A 202 -7.61 16.35 -28.73
CA TYR A 202 -7.13 16.03 -30.06
C TYR A 202 -8.05 15.04 -30.76
N LEU A 203 -8.46 13.98 -30.05
CA LEU A 203 -9.31 12.96 -30.66
C LEU A 203 -10.69 13.52 -30.97
N ALA A 204 -11.20 14.36 -30.08
CA ALA A 204 -12.51 14.96 -30.27
C ALA A 204 -12.51 15.95 -31.41
N GLN A 205 -11.40 16.67 -31.56
CA GLN A 205 -11.24 17.62 -32.66
C GLN A 205 -11.15 16.87 -33.98
N THR A 206 -10.54 15.69 -33.96
CA THR A 206 -10.36 14.95 -35.21
C THR A 206 -11.69 14.36 -35.71
N VAL A 207 -12.51 13.85 -34.80
CA VAL A 207 -13.81 13.31 -35.19
C VAL A 207 -14.77 14.46 -35.52
N ARG A 208 -14.45 15.63 -35.00
CA ARG A 208 -15.25 16.84 -35.26
CA ARG A 208 -15.25 16.83 -35.26
C ARG A 208 -14.99 17.35 -36.68
N GLN A 209 -13.74 17.23 -37.13
CA GLN A 209 -13.38 17.64 -38.48
C GLN A 209 -13.78 16.57 -39.47
N MET B 22 -16.20 -1.68 17.42
CA MET B 22 -14.75 -1.76 17.55
C MET B 22 -14.34 -2.85 18.54
N ASN B 23 -14.16 -4.07 18.03
CA ASN B 23 -13.68 -5.16 18.86
C ASN B 23 -12.19 -5.38 18.65
N THR B 24 -11.39 -4.70 19.46
CA THR B 24 -9.94 -4.78 19.36
C THR B 24 -9.41 -6.19 19.67
N LEU B 25 -10.22 -7.02 20.29
CA LEU B 25 -9.76 -8.37 20.64
C LEU B 25 -10.20 -9.44 19.65
N GLN B 26 -10.89 -9.04 18.59
CA GLN B 26 -11.47 -10.01 17.67
C GLN B 26 -10.46 -11.03 17.18
N LEU B 27 -10.84 -12.29 17.26
CA LEU B 27 -9.96 -13.37 16.82
C LEU B 27 -10.28 -13.70 15.36
N ILE B 28 -9.29 -13.47 14.50
CA ILE B 28 -9.42 -13.74 13.08
C ILE B 28 -8.34 -14.68 12.64
N ASN B 29 -8.74 -15.86 12.21
CA ASN B 29 -7.80 -16.84 11.71
C ASN B 29 -8.53 -17.84 10.86
N LYS B 30 -7.83 -18.87 10.41
CA LYS B 30 -8.43 -19.89 9.55
C LYS B 30 -9.73 -20.47 10.12
N ASN B 31 -9.74 -20.71 11.44
CA ASN B 31 -10.92 -21.26 12.11
C ASN B 31 -12.00 -20.21 12.41
N HIS B 32 -11.61 -18.94 12.38
CA HIS B 32 -12.51 -17.82 12.67
C HIS B 32 -12.41 -16.75 11.58
N PRO B 33 -13.02 -17.00 10.42
CA PRO B 33 -12.93 -16.02 9.34
C PRO B 33 -13.77 -14.80 9.63
N LEU B 34 -13.46 -13.70 8.95
CA LEU B 34 -14.35 -12.55 8.98
C LEU B 34 -15.67 -12.95 8.35
N LYS B 35 -16.76 -12.46 8.92
CA LYS B 35 -18.06 -12.66 8.30
C LYS B 35 -18.33 -11.42 7.44
N LYS B 36 -19.38 -11.48 6.65
CA LYS B 36 -19.78 -10.21 6.08
C LYS B 36 -20.92 -9.58 6.87
N ASN B 37 -21.02 -10.06 8.08
CA ASN B 37 -21.67 -9.35 9.16
C ASN B 37 -20.78 -8.18 9.56
N GLN B 38 -19.50 -8.31 9.24
CA GLN B 38 -18.49 -7.34 9.60
C GLN B 38 -18.62 -6.03 8.82
N GLU B 39 -18.90 -4.94 9.51
CA GLU B 39 -18.82 -3.63 8.89
C GLU B 39 -17.34 -3.28 8.73
N PRO B 40 -17.00 -2.60 7.63
CA PRO B 40 -15.60 -2.24 7.39
C PRO B 40 -15.04 -1.33 8.48
N PRO B 41 -13.73 -1.38 8.72
CA PRO B 41 -13.11 -0.57 9.76
C PRO B 41 -13.08 0.91 9.42
N HIS B 42 -13.12 1.76 10.44
CA HIS B 42 -12.72 3.15 10.28
C HIS B 42 -11.27 3.14 9.86
N LEU B 43 -10.85 4.12 9.07
CA LEU B 43 -9.48 4.13 8.57
C LEU B 43 -8.89 5.52 8.57
N VAL B 44 -7.59 5.58 8.80
CA VAL B 44 -6.82 6.80 8.66
CA VAL B 44 -6.80 6.80 8.67
C VAL B 44 -5.50 6.46 7.95
N LEU B 45 -4.92 7.43 7.26
CA LEU B 45 -3.58 7.21 6.73
C LEU B 45 -2.61 7.15 7.91
N ALA B 46 -1.72 6.18 7.87
CA ALA B 46 -0.77 5.99 8.97
C ALA B 46 0.60 6.63 8.68
N PRO B 47 1.21 7.24 9.70
CA PRO B 47 2.54 7.84 9.57
C PRO B 47 3.66 6.80 9.59
N PHE B 48 4.88 7.26 9.30
CA PHE B 48 6.11 6.45 9.37
C PHE B 48 6.12 5.29 8.37
N SER B 49 5.69 5.59 7.15
CA SER B 49 5.84 4.66 6.05
CA SER B 49 5.83 4.65 6.05
C SER B 49 6.38 5.38 4.83
N ASP B 50 6.83 4.63 3.84
CA ASP B 50 7.31 5.26 2.63
C ASP B 50 6.28 5.18 1.51
N HIS B 51 5.07 4.78 1.86
CA HIS B 51 3.96 4.72 0.92
C HIS B 51 2.68 4.88 1.70
N ASP B 52 1.54 4.90 1.01
CA ASP B 52 0.28 5.07 1.72
C ASP B 52 -0.16 3.77 2.41
N VAL B 53 -0.25 3.79 3.73
CA VAL B 53 -0.70 2.67 4.54
C VAL B 53 -1.86 3.17 5.39
N TYR B 54 -2.90 2.36 5.48
CA TYR B 54 -4.10 2.75 6.20
C TYR B 54 -4.33 1.79 7.35
N LEU B 55 -4.85 2.33 8.45
CA LEU B 55 -5.06 1.56 9.69
C LEU B 55 -6.27 2.10 10.39
N GLN B 56 -6.85 1.32 11.29
CA GLN B 56 -7.88 1.87 12.16
CA GLN B 56 -7.88 1.84 12.17
C GLN B 56 -7.25 3.02 12.92
N PRO B 57 -8.04 4.08 13.19
CA PRO B 57 -7.49 5.29 13.80
C PRO B 57 -6.71 5.07 15.10
N GLU B 58 -7.24 4.26 16.02
CA GLU B 58 -6.55 4.09 17.30
C GLU B 58 -5.26 3.34 17.10
N VAL B 59 -5.22 2.45 16.11
CA VAL B 59 -4.01 1.71 15.79
C VAL B 59 -2.93 2.65 15.27
N ALA B 60 -3.32 3.50 14.32
CA ALA B 60 -2.37 4.44 13.75
C ALA B 60 -1.82 5.36 14.82
N LYS B 61 -2.70 5.79 15.73
CA LYS B 61 -2.32 6.68 16.82
CA LYS B 61 -2.31 6.67 16.82
C LYS B 61 -1.30 6.02 17.74
N GLN B 62 -1.52 4.76 18.09
CA GLN B 62 -0.62 4.10 19.02
C GLN B 62 0.67 3.70 18.34
N TRP B 63 0.59 3.32 17.07
CA TRP B 63 1.79 3.13 16.25
C TRP B 63 2.65 4.38 16.26
N GLU B 64 2.04 5.54 16.02
CA GLU B 64 2.79 6.79 16.00
C GLU B 64 3.42 7.08 17.36
N ARG B 65 2.68 6.86 18.45
CA ARG B 65 3.21 7.06 19.79
C ARG B 65 4.39 6.15 20.08
N LEU B 66 4.28 4.91 19.62
CA LEU B 66 5.32 3.91 19.83
C LEU B 66 6.60 4.28 19.12
N VAL B 67 6.48 4.71 17.86
CA VAL B 67 7.66 5.06 17.09
C VAL B 67 8.33 6.29 17.69
N ARG B 68 7.52 7.26 18.12
CA ARG B 68 8.11 8.46 18.70
C ARG B 68 8.77 8.16 20.04
N ALA B 69 8.15 7.29 20.84
CA ALA B 69 8.67 6.98 22.17
C ALA B 69 9.99 6.24 22.09
N THR B 70 10.13 5.40 21.08
CA THR B 70 11.33 4.58 20.93
C THR B 70 12.39 5.34 20.12
N GLY B 71 12.00 6.46 19.53
CA GLY B 71 12.92 7.23 18.71
C GLY B 71 13.33 6.49 17.46
N LEU B 72 12.40 5.72 16.89
CA LEU B 72 12.70 4.87 15.76
C LEU B 72 12.21 5.44 14.43
N GLU B 73 11.94 6.75 14.40
CA GLU B 73 11.35 7.37 13.20
C GLU B 73 12.22 7.17 11.97
N LYS B 74 13.52 7.06 12.17
CA LYS B 74 14.44 6.96 11.05
C LYS B 74 14.95 5.53 10.86
N ASP B 75 14.39 4.59 11.63
CA ASP B 75 14.95 3.23 11.68
C ASP B 75 13.99 2.15 11.23
N ILE B 76 12.70 2.38 11.46
CA ILE B 76 11.71 1.38 11.06
C ILE B 76 10.65 2.00 10.18
N ARG B 77 9.89 1.15 9.51
CA ARG B 77 8.87 1.64 8.61
C ARG B 77 7.67 0.72 8.63
N LEU B 78 6.53 1.30 8.36
CA LEU B 78 5.32 0.55 8.25
C LEU B 78 5.27 0.01 6.83
N VAL B 79 5.23 -1.31 6.70
CA VAL B 79 5.26 -1.95 5.38
C VAL B 79 3.85 -2.23 4.88
N SER B 80 2.98 -2.69 5.77
CA SER B 80 1.65 -3.06 5.33
C SER B 80 0.65 -2.81 6.43
N GLY B 81 -0.56 -2.42 6.04
CA GLY B 81 -1.62 -2.17 7.01
C GLY B 81 -2.90 -2.79 6.52
N TYR B 82 -3.92 -1.96 6.35
CA TYR B 82 -5.21 -2.44 5.91
C TYR B 82 -5.12 -2.97 4.49
N ARG B 83 -5.77 -4.09 4.27
CA ARG B 83 -5.77 -4.79 3.00
C ARG B 83 -7.21 -5.22 2.76
N THR B 84 -7.78 -4.91 1.61
CA THR B 84 -9.16 -5.34 1.32
C THR B 84 -9.20 -6.86 1.11
N GLU B 85 -10.40 -7.44 1.10
CA GLU B 85 -10.47 -8.89 0.94
C GLU B 85 -9.94 -9.29 -0.42
N LYS B 86 -10.27 -8.50 -1.44
CA LYS B 86 -9.80 -8.79 -2.78
C LYS B 86 -8.28 -8.69 -2.83
N GLU B 87 -7.72 -7.69 -2.16
CA GLU B 87 -6.27 -7.56 -2.10
C GLU B 87 -5.61 -8.76 -1.44
N GLN B 88 -6.19 -9.24 -0.34
CA GLN B 88 -5.66 -10.40 0.34
C GLN B 88 -5.68 -11.61 -0.60
N ARG B 89 -6.78 -11.76 -1.33
CA ARG B 89 -6.89 -12.81 -2.34
C ARG B 89 -5.77 -12.69 -3.39
N ARG B 90 -5.56 -11.47 -3.89
CA ARG B 90 -4.52 -11.28 -4.91
C ARG B 90 -3.12 -11.48 -4.33
N LEU B 91 -2.92 -11.07 -3.07
CA LEU B 91 -1.64 -11.32 -2.40
C LEU B 91 -1.40 -12.83 -2.26
N TRP B 92 -2.43 -13.53 -1.80
CA TRP B 92 -2.38 -14.99 -1.67
CA TRP B 92 -2.33 -14.99 -1.66
C TRP B 92 -2.04 -15.66 -3.00
N GLU B 93 -2.77 -15.27 -4.04
CA GLU B 93 -2.57 -15.82 -5.39
C GLU B 93 -1.18 -15.54 -5.94
N TYR B 94 -0.66 -14.35 -5.63
CA TYR B 94 0.68 -14.00 -6.03
C TYR B 94 1.70 -14.92 -5.40
N SER B 95 1.61 -15.07 -4.08
CA SER B 95 2.52 -15.93 -3.35
C SER B 95 2.44 -17.38 -3.85
N LEU B 96 1.23 -17.80 -4.19
CA LEU B 96 1.05 -19.16 -4.71
C LEU B 96 1.87 -19.35 -5.97
N LYS B 97 1.79 -18.35 -6.86
CA LYS B 97 2.51 -18.42 -8.12
C LYS B 97 4.03 -18.36 -7.91
N GLU B 98 4.47 -17.44 -7.07
CA GLU B 98 5.90 -17.20 -6.85
C GLU B 98 6.56 -18.22 -5.92
N ASN B 99 5.86 -18.60 -4.86
CA ASN B 99 6.49 -19.34 -3.78
C ASN B 99 5.96 -20.77 -3.59
N GLY B 100 4.83 -21.07 -4.22
CA GLY B 100 4.24 -22.39 -4.11
C GLY B 100 3.26 -22.43 -2.96
N LEU B 101 2.44 -23.47 -2.93
CA LEU B 101 1.37 -23.58 -1.94
C LEU B 101 1.86 -23.68 -0.49
N ALA B 102 2.84 -24.54 -0.25
CA ALA B 102 3.28 -24.80 1.12
C ALA B 102 3.83 -23.54 1.77
N TYR B 103 4.67 -22.81 1.05
CA TYR B 103 5.22 -21.56 1.58
C TYR B 103 4.12 -20.53 1.81
N THR B 104 3.19 -20.45 0.88
CA THR B 104 2.10 -19.48 0.99
C THR B 104 1.25 -19.76 2.24
N LYS B 105 0.98 -21.03 2.53
CA LYS B 105 0.15 -21.35 3.68
C LYS B 105 0.85 -21.05 5.00
N GLN B 106 2.18 -21.15 4.99
CA GLN B 106 2.98 -20.80 6.15
C GLN B 106 2.93 -19.32 6.51
N PHE B 107 2.91 -18.46 5.50
CA PHE B 107 3.13 -17.04 5.76
C PHE B 107 2.00 -16.13 5.37
N VAL B 108 1.07 -16.60 4.55
CA VAL B 108 0.00 -15.73 4.08
C VAL B 108 -1.34 -16.25 4.54
N ALA B 109 -2.13 -15.41 5.22
CA ALA B 109 -3.44 -15.83 5.69
C ALA B 109 -4.38 -16.03 4.52
N LEU B 110 -5.27 -17.02 4.65
CA LEU B 110 -6.29 -17.23 3.64
C LEU B 110 -7.12 -15.97 3.51
N PRO B 111 -7.59 -15.68 2.30
CA PRO B 111 -8.52 -14.58 2.09
C PRO B 111 -9.73 -14.74 3.01
N GLY B 112 -10.06 -13.68 3.73
CA GLY B 112 -11.15 -13.73 4.68
C GLY B 112 -10.66 -14.03 6.09
N CYS B 113 -9.40 -14.42 6.21
CA CYS B 113 -8.86 -14.82 7.51
C CYS B 113 -7.67 -13.97 7.94
N SER B 114 -7.44 -12.84 7.28
CA SER B 114 -6.32 -11.99 7.64
C SER B 114 -6.76 -10.83 8.51
N GLU B 115 -6.01 -10.61 9.60
CA GLU B 115 -6.21 -9.46 10.47
C GLU B 115 -6.00 -8.16 9.74
N HIS B 116 -5.21 -8.19 8.68
CA HIS B 116 -5.02 -6.97 7.90
C HIS B 116 -6.33 -6.46 7.32
N GLN B 117 -7.31 -7.35 7.14
CA GLN B 117 -8.57 -6.96 6.54
CA GLN B 117 -8.57 -6.94 6.53
C GLN B 117 -9.43 -6.11 7.49
N ILE B 118 -9.08 -6.11 8.77
CA ILE B 118 -9.84 -5.28 9.71
C ILE B 118 -9.03 -4.06 10.15
N GLY B 119 -7.84 -3.89 9.61
CA GLY B 119 -7.05 -2.71 9.96
C GLY B 119 -6.40 -2.69 11.33
N LEU B 120 -6.30 -3.84 11.99
CA LEU B 120 -5.63 -3.92 13.29
C LEU B 120 -4.25 -4.55 13.23
N ALA B 121 -3.76 -4.87 12.04
CA ALA B 121 -2.45 -5.49 11.94
C ALA B 121 -1.46 -4.59 11.21
N ILE B 122 -0.22 -4.62 11.65
CA ILE B 122 0.83 -3.89 10.96
C ILE B 122 1.98 -4.86 10.63
N ASP B 123 2.53 -4.74 9.43
CA ASP B 123 3.80 -5.37 9.13
C ASP B 123 4.85 -4.29 9.20
N VAL B 124 5.95 -4.58 9.88
CA VAL B 124 6.96 -3.60 10.19
C VAL B 124 8.30 -4.06 9.61
N GLY B 125 9.04 -3.13 9.04
CA GLY B 125 10.34 -3.44 8.49
C GLY B 125 11.36 -2.40 8.88
N LEU B 126 12.58 -2.58 8.41
CA LEU B 126 13.62 -1.60 8.68
C LEU B 126 13.67 -0.57 7.55
N LYS B 127 13.97 0.67 7.91
CA LYS B 127 13.85 1.76 6.97
C LYS B 127 14.97 1.73 5.95
N LYS B 128 16.07 1.07 6.30
CA LYS B 128 17.28 1.07 5.47
C LYS B 128 17.31 -0.08 4.47
N GLN B 129 16.44 -1.07 4.68
CA GLN B 129 16.45 -2.28 3.86
C GLN B 129 16.08 -2.01 2.41
N GLU B 130 16.97 -2.42 1.51
CA GLU B 130 16.74 -2.31 0.09
C GLU B 130 16.28 -3.68 -0.41
N ASP B 131 15.42 -3.69 -1.42
CA ASP B 131 14.90 -4.93 -2.00
C ASP B 131 14.33 -5.85 -0.92
N ASP B 132 13.61 -5.26 0.02
CA ASP B 132 12.95 -6.03 1.08
C ASP B 132 11.84 -6.91 0.49
N ASP B 133 11.55 -8.00 1.20
CA ASP B 133 10.52 -8.98 0.83
C ASP B 133 9.15 -8.51 1.31
N LEU B 134 8.18 -8.40 0.41
CA LEU B 134 6.86 -7.93 0.82
C LEU B 134 6.14 -8.97 1.68
N ILE B 135 6.39 -10.25 1.41
CA ILE B 135 5.77 -11.34 2.17
CA ILE B 135 5.74 -11.31 2.18
C ILE B 135 6.37 -11.45 3.57
N CYS B 136 7.70 -11.47 3.63
CA CYS B 136 8.39 -11.60 4.89
C CYS B 136 9.41 -10.48 5.08
N PRO B 137 8.94 -9.28 5.47
CA PRO B 137 9.87 -8.15 5.70
C PRO B 137 10.92 -8.52 6.73
N HIS B 138 12.15 -8.12 6.50
CA HIS B 138 13.23 -8.33 7.47
C HIS B 138 12.97 -7.55 8.76
N PHE B 139 12.91 -8.23 9.89
CA PHE B 139 12.73 -7.52 11.16
C PHE B 139 13.33 -8.32 12.31
N ARG B 140 14.58 -8.73 12.10
CA ARG B 140 15.39 -9.39 13.14
C ARG B 140 16.82 -8.89 13.09
N ASP B 141 17.58 -9.20 14.15
CA ASP B 141 19.00 -8.91 14.20
C ASP B 141 19.33 -7.44 13.95
N SER B 142 18.57 -6.58 14.61
CA SER B 142 18.83 -5.15 14.55
C SER B 142 18.44 -4.54 15.87
N ALA B 143 19.19 -3.54 16.30
CA ALA B 143 18.91 -2.82 17.53
C ALA B 143 17.51 -2.20 17.46
N ALA B 144 17.12 -1.76 16.28
CA ALA B 144 15.80 -1.15 16.13
C ALA B 144 14.69 -2.16 16.43
N ALA B 145 14.78 -3.35 15.84
CA ALA B 145 13.80 -4.39 16.09
C ALA B 145 13.82 -4.80 17.55
N ASP B 146 15.03 -4.89 18.12
CA ASP B 146 15.15 -5.26 19.53
C ASP B 146 14.44 -4.26 20.43
N LEU B 147 14.63 -2.96 20.15
CA LEU B 147 13.97 -1.94 20.97
C LEU B 147 12.47 -1.96 20.76
N PHE B 148 12.04 -2.10 19.51
CA PHE B 148 10.62 -2.24 19.21
C PHE B 148 9.99 -3.38 20.01
N MET B 149 10.68 -4.52 20.07
CA MET B 149 10.17 -5.69 20.79
C MET B 149 10.12 -5.47 22.29
N GLN B 150 10.89 -4.50 22.79
CA GLN B 150 10.86 -4.18 24.21
C GLN B 150 9.69 -3.26 24.58
N GLN B 151 9.12 -2.57 23.60
CA GLN B 151 8.16 -1.50 23.94
C GLN B 151 6.78 -1.63 23.31
N MET B 152 6.66 -2.43 22.26
CA MET B 152 5.41 -2.55 21.50
C MET B 152 4.18 -2.81 22.35
N MET B 153 4.36 -3.66 23.35
CA MET B 153 3.26 -4.14 24.16
C MET B 153 2.77 -3.02 25.07
N ASN B 154 3.61 -2.00 25.28
CA ASN B 154 3.23 -0.88 26.12
C ASN B 154 2.37 0.12 25.34
N TYR B 155 2.19 -0.14 24.05
CA TYR B 155 1.39 0.72 23.18
C TYR B 155 0.27 -0.07 22.52
N GLY B 156 -0.01 -1.24 23.06
CA GLY B 156 -1.15 -2.02 22.63
C GLY B 156 -0.91 -3.10 21.60
N PHE B 157 0.36 -3.35 21.26
CA PHE B 157 0.65 -4.31 20.20
C PHE B 157 1.21 -5.62 20.74
N ILE B 158 0.88 -6.71 20.05
CA ILE B 158 1.48 -8.01 20.31
C ILE B 158 2.15 -8.58 19.08
N LEU B 159 3.15 -9.42 19.31
CA LEU B 159 3.73 -10.21 18.24
C LEU B 159 2.73 -11.31 17.93
N ARG B 160 2.12 -11.25 16.75
CA ARG B 160 0.95 -12.07 16.48
C ARG B 160 1.29 -13.54 16.33
N TYR B 161 2.44 -13.81 15.70
CA TYR B 161 2.79 -15.16 15.33
C TYR B 161 4.19 -15.50 15.84
N PRO B 162 4.30 -15.84 17.14
CA PRO B 162 5.59 -16.15 17.76
C PRO B 162 6.16 -17.46 17.26
N GLU B 163 7.44 -17.68 17.53
CA GLU B 163 8.16 -18.79 16.91
C GLU B 163 7.73 -20.18 17.38
N ASP B 164 7.27 -20.31 18.61
CA ASP B 164 6.96 -21.67 19.09
C ASP B 164 5.46 -21.92 19.18
N LYS B 165 4.70 -21.27 18.31
CA LYS B 165 3.25 -21.28 18.42
C LYS B 165 2.53 -21.63 17.12
N GLN B 166 3.25 -22.20 16.17
CA GLN B 166 2.68 -22.42 14.85
C GLN B 166 1.52 -23.42 14.86
N GLU B 167 1.54 -24.37 15.79
CA GLU B 167 0.43 -25.31 15.88
C GLU B 167 -0.83 -24.64 16.45
N ILE B 168 -0.62 -23.56 17.18
CA ILE B 168 -1.76 -22.86 17.78
C ILE B 168 -2.31 -21.82 16.81
N THR B 169 -1.43 -21.06 16.19
CA THR B 169 -1.86 -19.97 15.32
C THR B 169 -2.15 -20.45 13.90
N GLY B 170 -1.58 -21.60 13.52
CA GLY B 170 -1.68 -22.07 12.15
C GLY B 170 -0.83 -21.27 11.18
N ILE B 171 0.04 -20.41 11.72
CA ILE B 171 0.91 -19.55 10.90
C ILE B 171 2.35 -19.69 11.41
N SER B 172 3.31 -19.64 10.51
CA SER B 172 4.71 -19.75 10.92
C SER B 172 5.15 -18.48 11.62
N TYR B 173 6.31 -18.54 12.24
CA TYR B 173 6.91 -17.40 12.94
C TYR B 173 7.05 -16.19 12.01
N GLU B 174 6.49 -15.06 12.42
CA GLU B 174 6.57 -13.82 11.65
C GLU B 174 7.04 -12.67 12.52
N PRO B 175 8.36 -12.45 12.57
CA PRO B 175 8.85 -11.41 13.49
C PRO B 175 8.40 -10.00 13.14
N TRP B 176 7.84 -9.82 11.95
CA TRP B 176 7.49 -8.49 11.45
C TRP B 176 6.02 -8.14 11.69
N HIS B 177 5.21 -9.11 12.11
CA HIS B 177 3.76 -8.92 12.11
C HIS B 177 3.23 -8.64 13.50
N PHE B 178 2.63 -7.47 13.66
CA PHE B 178 2.11 -7.10 14.96
C PHE B 178 0.63 -6.81 14.87
N ARG B 179 -0.06 -7.17 15.95
CA ARG B 179 -1.49 -7.01 16.03
C ARG B 179 -1.83 -6.07 17.18
N TYR B 180 -2.68 -5.10 16.90
CA TYR B 180 -3.15 -4.21 17.94
C TYR B 180 -4.30 -4.85 18.68
N VAL B 181 -4.17 -4.94 20.01
CA VAL B 181 -5.27 -5.39 20.86
C VAL B 181 -5.59 -4.37 21.95
N GLY B 182 -4.72 -3.38 22.10
CA GLY B 182 -4.92 -2.34 23.10
C GLY B 182 -4.40 -2.77 24.47
N LEU B 183 -4.33 -1.82 25.40
CA LEU B 183 -3.94 -2.08 26.78
C LEU B 183 -5.16 -2.43 27.61
N PRO B 184 -4.98 -3.26 28.66
CA PRO B 184 -3.74 -3.89 29.13
C PRO B 184 -3.46 -5.20 28.41
N HIS B 185 -4.33 -5.54 27.46
CA HIS B 185 -4.27 -6.83 26.81
C HIS B 185 -2.92 -7.17 26.23
N SER B 186 -2.28 -6.22 25.56
CA SER B 186 -1.03 -6.51 24.91
C SER B 186 0.06 -6.80 25.95
N GLN B 187 -0.02 -6.15 27.10
CA GLN B 187 0.94 -6.39 28.16
C GLN B 187 0.70 -7.75 28.79
N VAL B 188 -0.59 -8.08 29.01
CA VAL B 188 -0.90 -9.39 29.61
C VAL B 188 -0.45 -10.52 28.67
N ILE B 189 -0.79 -10.40 27.39
CA ILE B 189 -0.47 -11.41 26.37
C ILE B 189 1.03 -11.55 26.25
N THR B 190 1.74 -10.42 26.18
CA THR B 190 3.18 -10.51 25.97
C THR B 190 3.92 -11.07 27.19
N ALA B 191 3.53 -10.67 28.40
CA ALA B 191 4.19 -11.19 29.58
C ALA B 191 4.00 -12.70 29.74
N GLN B 192 2.87 -13.22 29.26
CA GLN B 192 2.59 -14.67 29.36
C GLN B 192 3.16 -15.44 28.16
N LYS B 193 3.76 -14.71 27.23
CA LYS B 193 4.17 -15.24 25.94
C LYS B 193 3.04 -16.01 25.28
N TRP B 194 1.85 -15.43 25.37
CA TRP B 194 0.67 -15.99 24.74
C TRP B 194 0.45 -15.55 23.30
N THR B 195 -0.41 -16.30 22.64
CA THR B 195 -0.99 -15.88 21.38
C THR B 195 -2.37 -15.32 21.66
N LEU B 196 -2.95 -14.66 20.67
CA LEU B 196 -4.30 -14.13 20.82
C LEU B 196 -5.28 -15.29 21.01
N GLU B 197 -5.00 -16.40 20.32
CA GLU B 197 -5.78 -17.62 20.52
C GLU B 197 -5.82 -18.04 22.00
N GLU B 198 -4.64 -18.06 22.62
CA GLU B 198 -4.52 -18.53 24.00
C GLU B 198 -5.17 -17.52 24.93
N TYR B 199 -5.10 -16.25 24.57
CA TYR B 199 -5.70 -15.19 25.36
C TYR B 199 -7.21 -15.34 25.38
N HIS B 200 -7.77 -15.64 24.22
CA HIS B 200 -9.21 -15.87 24.14
C HIS B 200 -9.65 -17.07 24.96
N ASP B 201 -8.84 -18.13 24.96
CA ASP B 201 -9.17 -19.31 25.73
C ASP B 201 -9.09 -19.00 27.21
N TYR B 202 -8.10 -18.20 27.58
CA TYR B 202 -7.94 -17.79 28.98
C TYR B 202 -9.14 -16.95 29.46
N LEU B 203 -9.57 -15.98 28.66
CA LEU B 203 -10.68 -15.13 29.09
C LEU B 203 -11.95 -15.97 29.22
N ALA B 204 -12.18 -16.82 28.23
CA ALA B 204 -13.32 -17.72 28.25
C ALA B 204 -13.33 -18.59 29.51
N GLN B 205 -12.21 -19.29 29.75
CA GLN B 205 -12.06 -20.14 30.92
C GLN B 205 -12.29 -19.39 32.23
N THR B 206 -11.84 -18.13 32.25
CA THR B 206 -11.87 -17.34 33.47
C THR B 206 -13.29 -16.87 33.78
N VAL B 207 -14.03 -16.49 32.73
CA VAL B 207 -15.44 -16.12 32.88
C VAL B 207 -16.26 -17.22 33.57
N ARG B 208 -15.98 -18.48 33.23
CA ARG B 208 -16.71 -19.60 33.84
C ARG B 208 -16.33 -19.82 35.30
N GLN B 209 -15.49 -18.95 35.85
CA GLN B 209 -15.11 -19.03 37.25
C GLN B 209 -15.85 -17.99 38.11
ZN ZN C . 0.11 8.82 -8.19
C4 2D8 D . -1.44 12.33 -6.53
C5 2D8 D . -2.39 12.03 -7.66
C6 2D8 D . -3.59 11.33 -7.07
C7 2D8 D . -2.80 13.34 -8.31
N1 2D8 D . 1.25 10.12 -4.25
P 2D8 D . -0.39 10.90 -6.15
C1 2D8 D . -0.60 11.45 -3.51
C2 2D8 D . 0.45 11.25 -4.58
O31 2D8 D . -1.32 9.65 -5.94
O32 2D8 D . 0.74 10.50 -7.20
O61 2D8 D . -4.20 10.49 -7.78
O62 2D8 D . -3.92 11.61 -5.88
P LY0 E . -0.36 10.89 -6.20
C1 LY0 E . -0.24 11.16 -3.51
N1 LY0 E . 0.88 12.77 -4.87
C2 LY0 E . 0.59 11.39 -4.74
C4 LY0 E . -1.54 12.23 -6.50
C5 LY0 E . -2.43 11.95 -7.69
C6 LY0 E . -3.65 11.22 -7.17
C7 LY0 E . -2.84 13.26 -8.34
O31 LY0 E . -1.17 9.58 -5.87
O32 LY0 E . 0.70 10.55 -7.34
O61 LY0 E . -4.19 10.35 -7.92
O62 LY0 E . -4.08 11.51 -6.03
S SO4 F . -15.82 7.10 3.06
O1 SO4 F . -15.58 6.58 4.40
O2 SO4 F . -16.87 8.11 3.11
O3 SO4 F . -14.64 7.69 2.46
O4 SO4 F . -16.27 5.99 2.20
C1 GOL G . -9.93 17.21 -21.02
O1 GOL G . -9.97 17.53 -22.39
C2 GOL G . -10.33 18.36 -20.10
O2 GOL G . -9.27 19.27 -19.98
C3 GOL G . -10.72 17.79 -18.75
O3 GOL G . -10.79 18.79 -17.77
CL CL H . -13.12 6.30 8.80
ZN ZN I . 1.10 -9.02 8.37
P LY0 J . 1.48 -11.04 6.52
C1 LY0 J . 2.01 -11.36 3.87
N1 LY0 J . 3.30 -12.60 5.46
C2 LY0 J . 2.70 -11.34 5.22
C4 LY0 J . 0.73 -12.65 6.87
C5 LY0 J . -0.50 -12.55 7.75
C6 LY0 J . -1.69 -12.12 6.89
C7 LY0 J . -0.78 -13.90 8.35
O31 LY0 J . 2.21 -10.58 7.85
O32 LY0 J . 0.57 -9.84 6.02
O61 LY0 J . -1.78 -12.54 5.72
O62 LY0 J . -2.54 -11.36 7.41
C4 2D8 K . 0.83 -12.64 6.71
C5 2D8 K . -0.36 -12.62 7.62
C6 2D8 K . -1.59 -12.12 6.87
C7 2D8 K . -0.58 -14.01 8.16
N1 2D8 K . 3.22 -9.87 4.78
P 2D8 K . 1.52 -10.99 6.42
C1 2D8 K . 1.90 -11.62 3.82
C2 2D8 K . 2.67 -11.15 5.04
O31 2D8 K . 2.29 -10.56 7.73
O32 2D8 K . 0.52 -9.82 6.01
O61 2D8 K . -1.70 -12.36 5.64
O62 2D8 K . -2.46 -11.50 7.52
#